data_3FZR
#
_entry.id   3FZR
#
_cell.length_a   107.326
_cell.length_b   107.326
_cell.length_c   75.786
_cell.angle_alpha   90.00
_cell.angle_beta   90.00
_cell.angle_gamma   90.00
#
_symmetry.space_group_name_H-M   'P 4 21 2'
#
loop_
_entity.id
_entity.type
_entity.pdbx_description
1 polymer 'Protein tyrosine kinase 2 beta'
2 non-polymer N-methyl-N-{2-[({2-[(2-oxo-2,3-dihydro-1H-indol-5-yl)amino]-5-(trifluoromethyl)pyrimidin-4-yl}amino)methyl]phenyl}methanesulfonamide
3 non-polymer 'PHOSPHATE ION'
4 water water
#
_entity_poly.entity_id   1
_entity_poly.type   'polypeptide(L)'
_entity_poly.pdbx_seq_one_letter_code
;PQYGIAREDVVLNRILGEGFFGEVYEGVYTNHKGEKINVAVKTCKKDCTLDNKEKFMSEAVIMKNLDHPHIVKLIGIIEE
EPTWIIMELYPYGELGHYLERNKNSLKVLTLVLYSLQICKAMAYLESINCVHRDIAVRNILVASPECVKLGDFGLSRYIE
DEDYYKASVTRLPIKWMSPESINFRRFTTASDVWMFAVCMWEILSFGKQPFFWLENKDVIGVLEKGDRLPKPDLCPPVLY
TLMTRCWDYDPSDRPRFTELVCSLSDVYQMEKDIAME
;
_entity_poly.pdbx_strand_id   A
#
# COMPACT_ATOMS: atom_id res chain seq x y z
N GLY A 4 17.11 17.70 -13.70
CA GLY A 4 15.73 18.12 -13.85
C GLY A 4 15.13 17.65 -15.17
N ILE A 5 14.00 16.96 -15.08
CA ILE A 5 13.32 16.44 -16.27
C ILE A 5 12.23 17.36 -16.81
N ALA A 6 12.12 17.41 -18.14
CA ALA A 6 11.19 18.29 -18.86
C ALA A 6 10.14 17.59 -19.72
N ARG A 7 8.99 18.25 -19.85
CA ARG A 7 7.85 17.73 -20.59
C ARG A 7 8.19 17.06 -21.91
N GLU A 8 9.24 17.53 -22.56
CA GLU A 8 9.63 16.97 -23.85
C GLU A 8 10.13 15.53 -23.70
N ASP A 9 10.76 15.26 -22.57
CA ASP A 9 11.33 13.96 -22.27
C ASP A 9 10.26 12.91 -22.01
N VAL A 10 8.99 13.33 -21.94
CA VAL A 10 7.87 12.41 -21.68
C VAL A 10 6.89 12.32 -22.84
N VAL A 11 6.49 11.11 -23.17
CA VAL A 11 5.57 10.90 -24.28
C VAL A 11 4.39 10.04 -23.84
N LEU A 12 3.21 10.62 -23.65
CA LEU A 12 2.05 9.85 -23.20
C LEU A 12 1.53 8.93 -24.28
N ASN A 13 0.92 7.82 -23.89
CA ASN A 13 0.46 6.85 -24.87
C ASN A 13 -0.96 6.44 -24.60
N ARG A 14 -1.36 6.39 -23.34
CA ARG A 14 -2.76 6.03 -23.06
C ARG A 14 -3.15 6.46 -21.67
N ILE A 15 -4.41 6.20 -21.34
CA ILE A 15 -4.94 6.53 -20.04
C ILE A 15 -4.93 5.27 -19.18
N LEU A 16 -4.18 5.30 -18.07
CA LEU A 16 -4.12 4.16 -17.12
C LEU A 16 -5.43 3.99 -16.34
N GLY A 17 -5.99 5.12 -15.92
CA GLY A 17 -7.24 5.17 -15.19
C GLY A 17 -7.40 6.55 -14.57
N GLU A 18 -8.30 6.61 -13.60
CA GLU A 18 -8.54 7.83 -12.91
C GLU A 18 -8.14 7.67 -11.46
N GLY A 19 -7.07 8.33 -11.05
CA GLY A 19 -6.69 8.30 -9.67
C GLY A 19 -7.63 9.16 -8.82
N PHE A 20 -7.34 9.27 -7.55
CA PHE A 20 -8.14 10.12 -6.69
C PHE A 20 -8.03 11.59 -7.12
N PHE A 21 -6.87 11.96 -7.68
CA PHE A 21 -6.58 13.33 -8.08
C PHE A 21 -6.78 13.62 -9.57
N GLY A 22 -7.01 12.58 -10.38
CA GLY A 22 -7.15 12.78 -11.80
C GLY A 22 -6.32 11.77 -12.55
N GLU A 23 -6.65 11.61 -13.83
CA GLU A 23 -6.02 10.63 -14.71
C GLU A 23 -4.55 10.37 -14.49
N VAL A 24 -4.20 9.10 -14.67
CA VAL A 24 -2.83 8.63 -14.62
C VAL A 24 -2.66 8.12 -16.03
N TYR A 25 -1.50 8.42 -16.61
CA TYR A 25 -1.26 8.03 -18.00
C TYR A 25 -0.02 7.16 -18.07
N GLU A 26 -0.06 6.14 -18.92
CA GLU A 26 1.10 5.29 -19.24
C GLU A 26 1.81 6.08 -20.33
N GLY A 27 3.13 6.15 -20.29
CA GLY A 27 3.94 6.86 -21.25
C GLY A 27 5.37 6.32 -21.26
N VAL A 28 6.30 7.09 -21.83
CA VAL A 28 7.70 6.68 -21.90
C VAL A 28 8.61 7.85 -21.61
N TYR A 29 9.74 7.61 -21.00
CA TYR A 29 10.59 8.72 -20.67
C TYR A 29 11.99 8.47 -21.10
N THR A 30 12.46 9.28 -22.04
CA THR A 30 13.82 9.11 -22.54
C THR A 30 14.83 9.80 -21.67
N ASN A 31 15.86 9.05 -21.29
CA ASN A 31 16.92 9.54 -20.42
C ASN A 31 17.61 10.83 -20.84
N HIS A 32 18.93 10.81 -20.74
CA HIS A 32 19.79 11.94 -21.08
C HIS A 32 21.07 11.24 -21.50
N LYS A 33 20.91 9.94 -21.64
CA LYS A 33 21.92 9.01 -22.11
C LYS A 33 21.25 8.48 -23.36
N GLY A 34 19.94 8.74 -23.44
CA GLY A 34 19.09 8.35 -24.54
C GLY A 34 18.24 7.11 -24.31
N GLU A 35 18.12 6.67 -23.06
CA GLU A 35 17.38 5.46 -22.72
C GLU A 35 15.87 5.54 -22.39
N LYS A 36 15.12 4.55 -22.88
CA LYS A 36 13.67 4.48 -22.68
C LYS A 36 13.23 3.75 -21.40
N ILE A 37 12.24 4.32 -20.72
CA ILE A 37 11.75 3.80 -19.46
C ILE A 37 10.23 3.93 -19.42
N ASN A 38 9.51 2.82 -19.33
CA ASN A 38 8.06 2.88 -19.21
C ASN A 38 7.71 3.58 -17.92
N VAL A 39 6.61 4.31 -17.93
CA VAL A 39 6.36 5.25 -16.87
C VAL A 39 4.86 5.46 -16.65
N ALA A 40 4.52 6.03 -15.49
CA ALA A 40 3.12 6.30 -15.15
C ALA A 40 3.11 7.75 -14.69
N VAL A 41 2.13 8.55 -15.14
CA VAL A 41 2.17 9.98 -14.91
C VAL A 41 0.96 10.42 -14.19
N LYS A 42 1.20 10.88 -12.97
CA LYS A 42 0.12 11.28 -12.09
C LYS A 42 -0.17 12.74 -12.41
N THR A 43 -1.46 13.05 -12.52
CA THR A 43 -1.95 14.37 -12.88
C THR A 43 -3.09 14.78 -11.93
N CYS A 44 -3.45 16.06 -11.93
CA CYS A 44 -4.49 16.58 -11.04
C CYS A 44 -5.80 17.07 -11.69
N LYS A 45 -6.80 16.18 -11.73
CA LYS A 45 -8.17 16.38 -12.23
C LYS A 45 -8.51 17.75 -12.81
N LYS A 46 -9.47 18.39 -12.15
CA LYS A 46 -9.91 19.76 -12.39
C LYS A 46 -9.89 20.26 -10.93
N ASP A 47 -8.92 19.70 -10.20
CA ASP A 47 -8.68 19.89 -8.79
C ASP A 47 -9.25 21.11 -8.14
N CYS A 48 -10.08 20.89 -7.11
CA CYS A 48 -10.67 21.97 -6.34
C CYS A 48 -9.51 22.81 -5.91
N THR A 49 -9.79 24.10 -5.80
CA THR A 49 -8.81 25.12 -5.45
C THR A 49 -7.54 24.64 -4.74
N LEU A 50 -7.20 25.32 -3.67
CA LEU A 50 -5.99 25.00 -2.99
C LEU A 50 -5.97 23.57 -2.47
N ASP A 51 -7.05 23.17 -1.80
CA ASP A 51 -7.11 21.86 -1.16
C ASP A 51 -6.54 20.64 -1.90
N ASN A 52 -7.02 20.41 -3.11
CA ASN A 52 -6.60 19.23 -3.85
C ASN A 52 -5.19 19.29 -4.40
N LYS A 53 -4.81 20.45 -4.92
CA LYS A 53 -3.46 20.64 -5.43
C LYS A 53 -2.47 20.51 -4.27
N GLU A 54 -2.77 21.16 -3.14
CA GLU A 54 -1.89 21.07 -1.97
C GLU A 54 -1.65 19.61 -1.60
N LYS A 55 -2.72 18.84 -1.47
CA LYS A 55 -2.65 17.40 -1.21
C LYS A 55 -1.77 16.69 -2.26
N PHE A 56 -1.91 17.08 -3.54
CA PHE A 56 -1.10 16.52 -4.63
C PHE A 56 0.38 16.88 -4.39
N MET A 57 0.66 18.16 -4.11
CA MET A 57 2.04 18.61 -3.88
C MET A 57 2.65 17.92 -2.68
N SER A 58 1.86 17.85 -1.61
CA SER A 58 2.32 17.20 -0.41
C SER A 58 2.81 15.81 -0.73
N GLU A 59 2.07 15.07 -1.55
CA GLU A 59 2.45 13.71 -1.91
C GLU A 59 3.76 13.70 -2.69
N ALA A 60 3.84 14.60 -3.64
CA ALA A 60 5.01 14.75 -4.49
C ALA A 60 6.26 14.90 -3.65
N VAL A 61 6.20 15.93 -2.81
CA VAL A 61 7.32 16.28 -1.96
C VAL A 61 7.85 15.11 -1.13
N ILE A 62 6.93 14.37 -0.52
CA ILE A 62 7.29 13.19 0.26
C ILE A 62 7.98 12.19 -0.62
N MET A 63 7.34 11.87 -1.73
CA MET A 63 7.89 10.91 -2.69
C MET A 63 9.31 11.28 -3.18
N LYS A 64 9.57 12.57 -3.34
CA LYS A 64 10.87 13.06 -3.79
C LYS A 64 11.95 12.55 -2.85
N ASN A 65 11.56 12.38 -1.58
CA ASN A 65 12.45 12.01 -0.49
C ASN A 65 12.64 10.52 -0.20
N LEU A 66 11.55 9.78 -0.27
CA LEU A 66 11.53 8.33 -0.05
C LEU A 66 12.42 7.58 -1.02
N ASP A 67 12.82 6.40 -0.61
CA ASP A 67 13.65 5.53 -1.41
C ASP A 67 13.62 4.13 -0.77
N HIS A 68 13.01 3.16 -1.46
CA HIS A 68 12.88 1.86 -0.87
C HIS A 68 12.43 0.77 -1.86
N PRO A 69 13.09 -0.39 -1.83
CA PRO A 69 12.71 -1.43 -2.78
C PRO A 69 11.23 -1.80 -2.81
N HIS A 70 10.49 -1.49 -1.78
CA HIS A 70 9.09 -1.89 -1.82
C HIS A 70 8.11 -0.77 -1.76
N ILE A 71 8.58 0.39 -2.20
CA ILE A 71 7.75 1.57 -2.34
C ILE A 71 7.89 1.95 -3.81
N VAL A 72 6.81 2.45 -4.43
CA VAL A 72 6.85 2.83 -5.86
C VAL A 72 7.99 3.76 -6.15
N LYS A 73 8.67 3.50 -7.25
CA LYS A 73 9.86 4.24 -7.64
C LYS A 73 9.55 5.62 -8.28
N LEU A 74 9.85 6.71 -7.59
CA LEU A 74 9.59 8.00 -8.21
C LEU A 74 10.75 8.35 -9.14
N ILE A 75 10.43 8.64 -10.39
CA ILE A 75 11.45 8.92 -11.37
C ILE A 75 11.76 10.42 -11.50
N GLY A 76 10.73 11.26 -11.43
CA GLY A 76 10.92 12.69 -11.52
C GLY A 76 9.62 13.46 -11.44
N ILE A 77 9.74 14.79 -11.31
CA ILE A 77 8.56 15.65 -11.22
C ILE A 77 8.68 16.80 -12.19
N ILE A 78 7.57 17.11 -12.85
CA ILE A 78 7.50 18.24 -13.75
C ILE A 78 6.70 19.33 -13.04
N GLU A 79 7.39 20.10 -12.20
CA GLU A 79 6.74 21.20 -11.51
C GLU A 79 6.53 22.26 -12.56
N GLU A 80 5.28 22.57 -12.86
CA GLU A 80 5.00 23.57 -13.88
C GLU A 80 3.52 23.69 -14.08
N GLU A 81 3.03 23.08 -15.16
CA GLU A 81 1.60 23.14 -15.47
C GLU A 81 1.24 22.61 -16.85
N PRO A 82 0.37 21.57 -16.87
CA PRO A 82 0.02 21.13 -15.52
C PRO A 82 1.11 20.23 -14.96
N THR A 83 1.31 20.31 -13.64
CA THR A 83 2.31 19.50 -12.95
C THR A 83 2.08 17.99 -13.16
N TRP A 84 3.19 17.27 -13.25
CA TRP A 84 3.15 15.86 -13.54
C TRP A 84 4.07 15.12 -12.59
N ILE A 85 3.64 13.95 -12.14
CA ILE A 85 4.53 13.14 -11.30
C ILE A 85 4.81 11.88 -12.10
N ILE A 86 6.09 11.62 -12.35
CA ILE A 86 6.50 10.47 -13.15
C ILE A 86 7.05 9.33 -12.27
N MET A 87 6.31 8.24 -12.27
CA MET A 87 6.64 7.06 -11.51
C MET A 87 7.01 5.97 -12.50
N GLU A 88 7.69 4.95 -12.00
CA GLU A 88 8.02 3.81 -12.83
C GLU A 88 6.71 3.06 -13.04
N LEU A 89 6.59 2.43 -14.20
CA LEU A 89 5.38 1.66 -14.45
C LEU A 89 5.64 0.22 -14.03
N TYR A 90 4.57 -0.42 -13.54
CA TYR A 90 4.62 -1.85 -13.14
C TYR A 90 3.44 -2.48 -13.85
N PRO A 91 3.70 -3.03 -15.03
CA PRO A 91 2.83 -3.68 -16.00
C PRO A 91 1.88 -4.69 -15.39
N TYR A 92 2.35 -5.39 -14.37
CA TYR A 92 1.51 -6.39 -13.71
C TYR A 92 0.26 -5.78 -13.02
N GLY A 93 0.28 -4.49 -12.73
CA GLY A 93 -0.87 -3.86 -12.08
C GLY A 93 -1.04 -4.10 -10.59
N GLU A 94 -2.25 -3.85 -10.08
CA GLU A 94 -2.60 -3.99 -8.67
C GLU A 94 -2.49 -5.43 -8.17
N LEU A 95 -2.09 -5.56 -6.91
CA LEU A 95 -1.96 -6.85 -6.28
C LEU A 95 -3.30 -7.50 -6.04
N GLY A 96 -4.33 -6.72 -5.72
CA GLY A 96 -5.66 -7.28 -5.45
C GLY A 96 -6.10 -8.14 -6.61
N HIS A 97 -5.93 -7.63 -7.82
CA HIS A 97 -6.29 -8.35 -9.02
C HIS A 97 -5.29 -9.45 -9.40
N TYR A 98 -4.01 -9.25 -9.18
CA TYR A 98 -3.05 -10.31 -9.46
C TYR A 98 -3.31 -11.48 -8.50
N LEU A 99 -3.83 -11.13 -7.32
CA LEU A 99 -4.15 -12.12 -6.31
C LEU A 99 -5.31 -12.98 -6.82
N GLU A 100 -6.38 -12.31 -7.24
CA GLU A 100 -7.58 -12.99 -7.71
C GLU A 100 -7.35 -13.91 -8.91
N ARG A 101 -6.48 -13.47 -9.81
CA ARG A 101 -6.22 -14.20 -11.05
C ARG A 101 -5.05 -15.18 -10.99
N ASN A 102 -4.73 -15.65 -9.80
CA ASN A 102 -3.59 -16.53 -9.66
C ASN A 102 -3.70 -17.33 -8.39
N LYS A 103 -4.92 -17.46 -7.88
CA LYS A 103 -5.16 -18.16 -6.63
C LYS A 103 -4.41 -19.48 -6.65
N ASN A 104 -4.72 -20.27 -7.67
CA ASN A 104 -4.17 -21.60 -7.84
C ASN A 104 -2.67 -21.69 -8.02
N SER A 105 -2.09 -20.67 -8.62
CA SER A 105 -0.64 -20.68 -8.83
C SER A 105 0.19 -20.30 -7.59
N LEU A 106 -0.35 -19.42 -6.74
CA LEU A 106 0.41 -18.89 -5.60
C LEU A 106 0.60 -19.75 -4.35
N LYS A 107 1.86 -19.88 -3.95
CA LYS A 107 2.19 -20.67 -2.76
C LYS A 107 2.34 -19.76 -1.54
N VAL A 108 1.55 -20.01 -0.50
CA VAL A 108 1.59 -19.27 0.77
C VAL A 108 2.97 -18.72 1.13
N LEU A 109 4.02 -19.37 0.66
CA LEU A 109 5.34 -18.85 0.95
C LEU A 109 5.52 -17.49 0.21
N THR A 110 4.69 -17.29 -0.81
CA THR A 110 4.70 -16.07 -1.62
C THR A 110 3.84 -14.97 -0.99
N LEU A 111 2.61 -15.34 -0.63
CA LEU A 111 1.73 -14.45 0.10
C LEU A 111 2.37 -13.86 1.39
N VAL A 112 3.37 -14.55 1.94
CA VAL A 112 4.04 -14.13 3.16
C VAL A 112 5.15 -13.24 2.75
N LEU A 113 5.85 -13.65 1.70
CA LEU A 113 6.92 -12.81 1.14
C LEU A 113 6.38 -11.39 0.84
N TYR A 114 5.19 -11.31 0.20
CA TYR A 114 4.55 -10.01 -0.10
C TYR A 114 4.38 -9.17 1.16
N SER A 115 3.68 -9.76 2.15
CA SER A 115 3.46 -9.19 3.48
C SER A 115 4.76 -8.74 4.10
N LEU A 116 5.77 -9.60 4.02
CA LEU A 116 7.07 -9.23 4.57
C LEU A 116 7.66 -7.97 3.95
N GLN A 117 7.56 -7.85 2.61
CA GLN A 117 8.06 -6.65 1.93
C GLN A 117 7.21 -5.42 2.21
N ILE A 118 5.89 -5.58 2.30
CA ILE A 118 5.07 -4.43 2.69
C ILE A 118 5.47 -3.92 4.10
N CYS A 119 5.66 -4.87 5.02
CA CYS A 119 6.12 -4.54 6.36
C CYS A 119 7.45 -3.78 6.38
N LYS A 120 8.45 -4.25 5.66
CA LYS A 120 9.71 -3.51 5.66
C LYS A 120 9.52 -2.10 5.09
N ALA A 121 8.58 -1.96 4.15
CA ALA A 121 8.26 -0.66 3.56
C ALA A 121 7.70 0.22 4.68
N MET A 122 6.78 -0.33 5.47
CA MET A 122 6.25 0.39 6.65
C MET A 122 7.30 0.76 7.73
N ALA A 123 8.16 -0.19 8.09
CA ALA A 123 9.22 0.09 9.05
C ALA A 123 10.04 1.24 8.56
N TYR A 124 10.37 1.22 7.28
CA TYR A 124 11.13 2.31 6.69
C TYR A 124 10.35 3.62 6.87
N LEU A 125 9.11 3.64 6.40
CA LEU A 125 8.27 4.83 6.51
C LEU A 125 8.19 5.32 7.96
N GLU A 126 8.06 4.38 8.89
CA GLU A 126 7.96 4.74 10.30
C GLU A 126 9.22 5.48 10.74
N SER A 127 10.35 4.98 10.28
CA SER A 127 11.63 5.57 10.60
C SER A 127 11.69 7.02 10.14
N ILE A 128 11.22 7.31 8.94
CA ILE A 128 11.26 8.70 8.47
C ILE A 128 10.07 9.58 8.88
N ASN A 129 9.33 9.20 9.92
CA ASN A 129 8.18 10.01 10.38
C ASN A 129 7.01 10.11 9.39
N CYS A 130 6.82 9.09 8.58
CA CYS A 130 5.72 9.11 7.63
C CYS A 130 4.70 8.09 8.01
N VAL A 131 3.50 8.29 7.52
CA VAL A 131 2.45 7.34 7.69
C VAL A 131 1.86 7.03 6.33
N HIS A 132 1.21 5.89 6.23
CA HIS A 132 0.58 5.52 5.00
C HIS A 132 -0.84 5.31 5.35
N ARG A 133 -1.72 6.06 4.76
CA ARG A 133 -3.14 5.99 5.09
C ARG A 133 -3.92 5.02 4.19
N ASP A 134 -3.18 4.33 3.30
CA ASP A 134 -3.79 3.37 2.39
C ASP A 134 -3.00 2.07 2.09
N ILE A 135 -2.77 1.25 3.12
CA ILE A 135 -2.06 -0.04 2.94
C ILE A 135 -3.15 -1.05 2.60
N ALA A 136 -3.39 -1.20 1.31
CA ALA A 136 -4.49 -2.00 0.82
C ALA A 136 -4.07 -2.57 -0.51
N VAL A 137 -4.61 -3.74 -0.81
CA VAL A 137 -4.16 -4.55 -1.91
C VAL A 137 -4.39 -3.93 -3.33
N ARG A 138 -5.47 -3.17 -3.49
CA ARG A 138 -5.65 -2.39 -4.70
C ARG A 138 -4.74 -1.16 -4.79
N ASN A 139 -4.02 -0.82 -3.72
CA ASN A 139 -3.10 0.33 -3.73
C ASN A 139 -1.67 -0.14 -3.64
N ILE A 140 -1.44 -1.42 -3.92
CA ILE A 140 -0.10 -2.01 -3.91
C ILE A 140 0.15 -2.54 -5.27
N LEU A 141 1.34 -2.30 -5.79
CA LEU A 141 1.70 -2.74 -7.12
C LEU A 141 2.59 -3.96 -7.16
N VAL A 142 2.40 -4.77 -8.21
CA VAL A 142 3.21 -5.95 -8.45
C VAL A 142 4.32 -5.61 -9.45
N ALA A 143 5.55 -5.51 -8.98
CA ALA A 143 6.67 -5.22 -9.86
C ALA A 143 7.01 -6.47 -10.61
N SER A 144 6.97 -7.58 -9.90
CA SER A 144 7.30 -8.86 -10.48
C SER A 144 6.62 -9.92 -9.67
N PRO A 145 6.95 -11.17 -9.94
CA PRO A 145 6.25 -12.19 -9.16
C PRO A 145 6.83 -12.31 -7.76
N GLU A 146 8.07 -11.93 -7.61
CA GLU A 146 8.74 -11.99 -6.33
C GLU A 146 8.95 -10.57 -5.78
N CYS A 147 8.04 -9.65 -6.14
CA CYS A 147 8.23 -8.28 -5.70
C CYS A 147 7.03 -7.42 -5.87
N VAL A 148 6.56 -6.88 -4.75
CA VAL A 148 5.48 -5.90 -4.69
C VAL A 148 6.04 -4.57 -4.17
N LYS A 149 5.36 -3.47 -4.49
CA LYS A 149 5.79 -2.10 -4.15
C LYS A 149 4.60 -1.38 -3.62
N LEU A 150 4.76 -0.79 -2.46
CA LEU A 150 3.67 -0.07 -1.83
C LEU A 150 3.36 1.24 -2.50
N GLY A 151 2.07 1.57 -2.44
CA GLY A 151 1.38 2.77 -2.85
C GLY A 151 2.05 4.03 -3.34
N ASP A 152 1.82 5.14 -2.64
CA ASP A 152 2.16 6.53 -3.06
C ASP A 152 0.76 7.05 -3.21
N PHE A 153 0.12 7.28 -2.09
CA PHE A 153 -1.27 7.68 -2.09
C PHE A 153 -1.76 7.15 -0.81
N GLY A 154 -1.98 8.06 0.12
CA GLY A 154 -2.34 7.77 1.48
C GLY A 154 -1.05 8.10 2.20
N LEU A 155 0.06 8.20 1.44
CA LEU A 155 1.35 8.60 1.99
C LEU A 155 1.21 9.97 2.62
N SER A 156 1.65 10.12 3.87
CA SER A 156 1.49 11.39 4.54
C SER A 156 2.49 11.62 5.67
N ARG A 157 2.32 12.74 6.38
CA ARG A 157 3.10 13.11 7.55
C ARG A 157 4.60 13.10 7.31
N THR A 170 -14.14 12.42 3.79
CA THR A 170 -13.77 11.89 2.48
C THR A 170 -14.22 10.42 2.37
N ARG A 171 -13.68 9.73 1.36
CA ARG A 171 -13.88 8.30 1.20
C ARG A 171 -12.88 7.72 2.22
N LEU A 172 -13.37 6.96 3.20
CA LEU A 172 -12.48 6.45 4.23
C LEU A 172 -12.52 4.94 4.44
N PRO A 173 -11.36 4.27 4.26
CA PRO A 173 -11.28 2.83 4.44
C PRO A 173 -11.64 2.43 5.88
N ILE A 174 -12.85 2.77 6.28
CA ILE A 174 -13.33 2.44 7.60
C ILE A 174 -13.10 0.96 7.93
N LYS A 175 -13.30 0.13 6.91
CA LYS A 175 -13.19 -1.31 7.08
C LYS A 175 -11.73 -1.68 7.33
N TRP A 176 -10.85 -0.70 7.13
CA TRP A 176 -9.42 -0.94 7.31
C TRP A 176 -8.79 -0.15 8.44
N MET A 177 -9.60 0.65 9.15
CA MET A 177 -9.10 1.57 10.18
C MET A 177 -9.26 1.14 11.62
N SER A 178 -8.25 1.45 12.43
CA SER A 178 -8.30 1.13 13.86
C SER A 178 -9.46 1.86 14.53
N PRO A 179 -9.89 1.38 15.69
CA PRO A 179 -11.03 2.07 16.33
C PRO A 179 -10.73 3.58 16.58
N GLU A 180 -9.55 3.84 17.12
CA GLU A 180 -9.09 5.19 17.34
C GLU A 180 -9.07 5.97 16.04
N SER A 181 -8.70 5.31 14.95
CA SER A 181 -8.61 6.01 13.67
C SER A 181 -9.99 6.52 13.26
N ILE A 182 -11.03 5.82 13.76
CA ILE A 182 -12.42 6.14 13.46
C ILE A 182 -13.02 7.18 14.39
N ASN A 183 -12.97 6.93 15.69
CA ASN A 183 -13.56 7.82 16.68
C ASN A 183 -12.91 9.20 16.69
N PHE A 184 -11.61 9.22 16.92
CA PHE A 184 -10.88 10.48 17.02
C PHE A 184 -9.98 10.83 15.84
N ARG A 185 -10.32 10.37 14.63
CA ARG A 185 -9.47 10.59 13.46
C ARG A 185 -7.94 10.60 13.69
N ARG A 186 -7.52 9.97 14.79
CA ARG A 186 -6.11 9.82 15.16
C ARG A 186 -5.47 8.77 14.24
N PHE A 187 -4.53 9.20 13.41
CA PHE A 187 -3.81 8.28 12.54
C PHE A 187 -2.34 8.16 12.98
N THR A 188 -2.08 7.28 13.95
CA THR A 188 -0.71 7.06 14.40
C THR A 188 -0.10 5.85 13.76
N THR A 189 1.17 5.63 14.07
CA THR A 189 1.88 4.50 13.53
C THR A 189 1.33 3.18 14.09
N ALA A 190 0.68 3.26 15.25
CA ALA A 190 0.05 2.09 15.87
C ALA A 190 -1.28 1.77 15.20
N SER A 191 -1.84 2.75 14.51
CA SER A 191 -3.11 2.51 13.86
C SER A 191 -2.76 1.99 12.47
N ASP A 192 -1.55 2.31 12.03
CA ASP A 192 -1.03 1.79 10.78
C ASP A 192 -0.68 0.31 10.94
N VAL A 193 -0.31 -0.07 12.16
CA VAL A 193 0.01 -1.47 12.47
C VAL A 193 -1.26 -2.28 12.31
N TRP A 194 -2.36 -1.69 12.77
CA TRP A 194 -3.65 -2.32 12.64
C TRP A 194 -4.04 -2.46 11.16
N MET A 195 -4.08 -1.33 10.46
CA MET A 195 -4.37 -1.29 9.02
C MET A 195 -3.47 -2.27 8.24
N PHE A 196 -2.22 -2.40 8.62
CA PHE A 196 -1.34 -3.30 7.91
C PHE A 196 -1.72 -4.76 8.03
N ALA A 197 -2.20 -5.16 9.22
CA ALA A 197 -2.57 -6.55 9.49
C ALA A 197 -3.78 -6.90 8.70
N VAL A 198 -4.60 -5.89 8.41
CA VAL A 198 -5.84 -6.03 7.62
C VAL A 198 -5.47 -6.27 6.15
N CYS A 199 -4.30 -5.77 5.76
CA CYS A 199 -3.77 -5.91 4.42
C CYS A 199 -3.15 -7.34 4.29
N MET A 200 -2.71 -7.90 5.42
CA MET A 200 -2.09 -9.24 5.44
C MET A 200 -3.20 -10.21 5.29
N TRP A 201 -4.26 -9.94 5.99
CA TRP A 201 -5.44 -10.73 5.87
C TRP A 201 -5.78 -10.74 4.38
N GLU A 202 -6.06 -9.57 3.81
CA GLU A 202 -6.38 -9.41 2.38
C GLU A 202 -5.49 -10.23 1.44
N ILE A 203 -4.20 -10.21 1.64
CA ILE A 203 -3.34 -11.00 0.75
C ILE A 203 -3.67 -12.47 1.00
N LEU A 204 -3.37 -12.96 2.20
CA LEU A 204 -3.65 -14.33 2.60
C LEU A 204 -5.01 -14.84 2.21
N SER A 205 -5.99 -13.94 2.06
CA SER A 205 -7.33 -14.34 1.64
C SER A 205 -7.62 -14.03 0.16
N PHE A 206 -6.57 -14.09 -0.68
CA PHE A 206 -6.70 -13.86 -2.12
C PHE A 206 -7.66 -12.71 -2.57
N GLY A 207 -7.50 -11.51 -2.03
CA GLY A 207 -8.25 -10.33 -2.41
C GLY A 207 -9.62 -10.14 -1.81
N LYS A 208 -10.02 -10.97 -0.85
CA LYS A 208 -11.33 -10.79 -0.21
C LYS A 208 -11.42 -9.43 0.49
N GLN A 209 -12.54 -8.75 0.36
CA GLN A 209 -12.72 -7.46 1.01
C GLN A 209 -12.99 -7.63 2.48
N PRO A 210 -12.18 -7.01 3.34
CA PRO A 210 -12.44 -7.16 4.79
C PRO A 210 -13.87 -6.77 5.15
N PHE A 211 -14.50 -7.46 6.10
CA PHE A 211 -15.88 -7.14 6.53
C PHE A 211 -16.86 -6.74 5.42
N PHE A 212 -16.87 -7.49 4.33
CA PHE A 212 -17.82 -7.19 3.24
C PHE A 212 -19.28 -7.40 3.67
N TRP A 213 -19.48 -8.09 4.79
CA TRP A 213 -20.83 -8.29 5.26
C TRP A 213 -21.41 -7.10 6.00
N LEU A 214 -20.53 -6.23 6.49
CA LEU A 214 -20.99 -5.08 7.25
C LEU A 214 -21.00 -3.85 6.38
N GLU A 215 -21.77 -2.86 6.81
CA GLU A 215 -21.77 -1.55 6.16
C GLU A 215 -20.89 -0.67 7.08
N ASN A 216 -20.20 0.31 6.49
CA ASN A 216 -19.29 1.16 7.28
C ASN A 216 -19.79 1.47 8.70
N LYS A 217 -20.90 2.20 8.78
CA LYS A 217 -21.54 2.59 10.04
C LYS A 217 -21.64 1.58 11.19
N ASP A 218 -21.11 0.36 11.03
CA ASP A 218 -21.24 -0.59 12.14
C ASP A 218 -19.99 -1.38 12.45
N VAL A 219 -18.86 -0.89 11.95
CA VAL A 219 -17.61 -1.56 12.19
C VAL A 219 -17.16 -1.41 13.63
N ILE A 220 -17.18 -0.16 14.12
CA ILE A 220 -16.71 0.13 15.48
C ILE A 220 -17.43 -0.77 16.43
N GLY A 221 -18.75 -0.73 16.34
CA GLY A 221 -19.61 -1.58 17.13
C GLY A 221 -19.06 -2.98 17.18
N VAL A 222 -18.79 -3.54 16.00
CA VAL A 222 -18.29 -4.91 15.91
C VAL A 222 -17.01 -5.17 16.68
N LEU A 223 -16.00 -4.33 16.42
CA LEU A 223 -14.71 -4.40 17.10
C LEU A 223 -14.80 -4.13 18.63
N GLU A 224 -15.75 -3.29 19.05
CA GLU A 224 -15.95 -3.01 20.48
C GLU A 224 -16.33 -4.30 21.18
N LYS A 225 -17.23 -5.04 20.55
CA LYS A 225 -17.67 -6.34 21.06
C LYS A 225 -16.48 -7.27 21.11
N GLY A 226 -15.47 -6.98 20.27
CA GLY A 226 -14.24 -7.75 20.21
C GLY A 226 -14.24 -8.71 19.05
N ASP A 227 -15.02 -8.35 18.03
CA ASP A 227 -15.14 -9.15 16.83
C ASP A 227 -14.00 -8.77 15.86
N ARG A 228 -13.43 -9.79 15.20
CA ARG A 228 -12.33 -9.61 14.28
C ARG A 228 -12.46 -10.46 13.01
N LEU A 229 -11.64 -10.14 12.00
CA LEU A 229 -11.61 -10.90 10.75
C LEU A 229 -11.04 -12.29 10.99
N PRO A 230 -11.74 -13.32 10.48
CA PRO A 230 -11.54 -14.77 10.54
C PRO A 230 -10.17 -15.21 10.06
N LYS A 231 -9.69 -16.35 10.54
CA LYS A 231 -8.40 -16.83 10.07
C LYS A 231 -8.53 -17.15 8.59
N PRO A 232 -7.47 -16.86 7.81
CA PRO A 232 -7.69 -17.21 6.42
C PRO A 232 -7.09 -18.58 6.13
N ASP A 233 -7.86 -19.36 5.37
CA ASP A 233 -7.53 -20.73 4.94
C ASP A 233 -6.05 -21.08 4.87
N LEU A 234 -5.30 -20.35 4.07
CA LEU A 234 -3.88 -20.62 3.90
C LEU A 234 -3.03 -20.09 5.01
N CYS A 235 -3.58 -19.23 5.86
CA CYS A 235 -2.76 -18.63 6.92
C CYS A 235 -2.44 -19.60 8.03
N PRO A 236 -1.14 -19.77 8.32
CA PRO A 236 -0.60 -20.59 9.41
C PRO A 236 -1.21 -20.12 10.73
N PRO A 237 -0.83 -20.75 11.85
CA PRO A 237 -1.45 -20.25 13.09
C PRO A 237 -0.58 -19.19 13.75
N VAL A 238 0.73 -19.30 13.54
CA VAL A 238 1.66 -18.34 14.10
C VAL A 238 1.33 -16.98 13.54
N LEU A 239 1.08 -16.93 12.23
CA LEU A 239 0.74 -15.69 11.55
C LEU A 239 -0.59 -15.08 11.98
N TYR A 240 -1.67 -15.86 12.01
CA TYR A 240 -2.97 -15.32 12.39
C TYR A 240 -2.94 -14.82 13.82
N THR A 241 -1.98 -15.32 14.58
CA THR A 241 -1.87 -14.93 15.98
C THR A 241 -1.16 -13.59 16.07
N LEU A 242 -0.16 -13.46 15.20
CA LEU A 242 0.62 -12.24 15.05
C LEU A 242 -0.31 -11.13 14.58
N MET A 243 -1.22 -11.47 13.66
CA MET A 243 -2.20 -10.52 13.12
C MET A 243 -3.10 -10.11 14.25
N THR A 244 -3.39 -11.07 15.09
CA THR A 244 -4.32 -10.87 16.18
C THR A 244 -3.88 -9.81 17.22
N ARG A 245 -2.56 -9.70 17.41
CA ARG A 245 -1.99 -8.70 18.30
C ARG A 245 -2.05 -7.29 17.71
N CYS A 246 -1.87 -7.19 16.39
CA CYS A 246 -2.01 -5.91 15.67
C CYS A 246 -3.44 -5.39 15.75
N TRP A 247 -4.39 -6.26 16.13
CA TRP A 247 -5.79 -5.82 16.24
C TRP A 247 -6.27 -5.60 17.65
N ASP A 248 -5.36 -5.71 18.62
CA ASP A 248 -5.61 -5.41 20.02
C ASP A 248 -6.30 -4.07 20.10
N TYR A 249 -7.38 -3.99 20.87
CA TYR A 249 -8.09 -2.71 20.99
C TYR A 249 -7.20 -1.61 21.59
N ASP A 250 -6.30 -2.03 22.47
CA ASP A 250 -5.31 -1.15 23.10
C ASP A 250 -4.06 -0.97 22.23
N PRO A 251 -3.91 0.21 21.60
CA PRO A 251 -2.77 0.55 20.74
C PRO A 251 -1.42 0.11 21.32
N SER A 252 -1.17 0.48 22.57
CA SER A 252 0.10 0.18 23.24
C SER A 252 0.33 -1.31 23.23
N ASP A 253 -0.71 -2.09 22.98
CA ASP A 253 -0.52 -3.52 22.98
C ASP A 253 0.00 -4.14 21.67
N ARG A 254 -0.35 -3.55 20.52
CA ARG A 254 0.10 -4.05 19.23
C ARG A 254 1.59 -3.90 19.03
N PRO A 255 2.19 -4.80 18.22
CA PRO A 255 3.63 -4.83 17.85
C PRO A 255 4.09 -3.61 17.03
N ARG A 256 5.33 -3.21 17.14
CA ARG A 256 5.84 -2.12 16.31
C ARG A 256 6.32 -2.77 14.99
N PHE A 257 6.48 -1.96 13.95
CA PHE A 257 6.92 -2.50 12.68
C PHE A 257 8.23 -3.32 12.72
N THR A 258 9.24 -2.72 13.36
CA THR A 258 10.56 -3.33 13.62
C THR A 258 10.39 -4.81 14.10
N GLU A 259 9.38 -5.04 14.92
CA GLU A 259 9.08 -6.34 15.45
C GLU A 259 8.36 -7.28 14.49
N LEU A 260 7.41 -6.73 13.73
CA LEU A 260 6.68 -7.49 12.71
C LEU A 260 7.66 -7.95 11.61
N VAL A 261 8.63 -7.11 11.29
CA VAL A 261 9.66 -7.42 10.32
C VAL A 261 10.57 -8.57 10.74
N CYS A 262 10.61 -8.83 12.05
CA CYS A 262 11.43 -9.89 12.66
C CYS A 262 10.62 -11.18 12.66
N SER A 263 9.40 -11.05 13.12
CA SER A 263 8.51 -12.17 13.22
C SER A 263 8.16 -12.76 11.89
N LEU A 264 7.75 -11.91 10.95
CA LEU A 264 7.41 -12.29 9.57
C LEU A 264 8.67 -12.83 8.90
N SER A 265 9.80 -12.17 9.19
CA SER A 265 11.07 -12.62 8.69
C SER A 265 11.33 -14.09 9.12
N ASP A 266 10.71 -14.52 10.23
CA ASP A 266 10.84 -15.88 10.78
C ASP A 266 9.83 -16.77 10.11
N VAL A 267 8.56 -16.44 10.25
CA VAL A 267 7.46 -17.19 9.64
C VAL A 267 7.71 -17.46 8.17
N TYR A 268 8.65 -16.74 7.58
CA TYR A 268 8.88 -16.88 6.16
C TYR A 268 10.10 -17.72 5.85
N GLN A 269 11.18 -17.52 6.62
CA GLN A 269 12.37 -18.35 6.45
C GLN A 269 12.04 -19.76 6.99
N MET A 270 10.98 -19.86 7.79
CA MET A 270 10.53 -21.15 8.25
C MET A 270 9.73 -21.74 7.11
N GLU A 271 8.97 -20.89 6.45
CA GLU A 271 8.14 -21.27 5.32
C GLU A 271 8.87 -21.80 4.09
N LYS A 272 10.12 -21.38 3.97
CA LYS A 272 11.00 -21.81 2.92
C LYS A 272 11.78 -23.04 3.42
N ASP A 273 11.68 -23.27 4.74
CA ASP A 273 12.20 -24.50 5.41
C ASP A 273 11.15 -25.59 5.12
N ILE A 274 9.92 -25.38 5.59
CA ILE A 274 8.85 -26.34 5.36
C ILE A 274 8.70 -26.68 3.90
N ALA A 275 9.41 -25.94 3.06
CA ALA A 275 9.39 -26.18 1.62
C ALA A 275 10.44 -27.27 1.24
N MET A 276 9.95 -28.49 1.02
CA MET A 276 10.78 -29.65 0.66
C MET A 276 12.01 -29.31 -0.19
#